data_3LPM
#
_entry.id   3LPM
#
_cell.length_a   71.250
_cell.length_b   76.277
_cell.length_c   143.409
_cell.angle_alpha   90.000
_cell.angle_beta   90.000
_cell.angle_gamma   90.000
#
_symmetry.space_group_name_H-M   'P 21 21 21'
#
loop_
_entity.id
_entity.type
_entity.pdbx_description
1 polymer 'Putative methyltransferase'
2 water water
#
_entity_poly.entity_id   1
_entity_poly.type   'polypeptide(L)'
_entity_poly.pdbx_seq_one_letter_code
;(MSE)SLEKLKLIGDERLDYLLAENLRIIQSPSVFSFSIDAVLLAKFSYLPIRKGKIIDLCSGNGIIPLLLSTRTKAKIV
GVEIQERLAD(MSE)AKRSVAYNQLEDQIEIIEYDLKKITDLIPKERADIVTCNPPYFATPDTSLKNTNEHFRIARHEV
(MSE)CTLEDTIRVAASLLKQGGKANFVHRPERLLDIIDI(MSE)RKYRLEPKRIQFVHPRSDREANTVLVEGIKDGKPG
VKYVPPVIVYDELGEYTPVIKEILYGESEGHHHHHH
;
_entity_poly.pdbx_strand_id   A,B
#
# COMPACT_ATOMS: atom_id res chain seq x y z
N LYS A 5 36.21 -27.69 15.37
CA LYS A 5 36.86 -26.52 14.71
C LYS A 5 36.05 -25.22 14.94
N LEU A 6 34.71 -25.32 14.86
CA LEU A 6 33.80 -24.25 15.28
C LEU A 6 33.24 -24.57 16.68
N LYS A 7 33.09 -23.56 17.51
CA LYS A 7 32.56 -23.80 18.83
C LYS A 7 31.25 -23.10 19.08
N LEU A 8 30.16 -23.84 19.08
CA LEU A 8 28.90 -23.28 19.48
C LEU A 8 28.93 -23.14 20.97
N ILE A 9 28.10 -22.27 21.52
CA ILE A 9 28.13 -22.06 22.94
C ILE A 9 26.76 -21.93 23.56
N GLY A 10 26.44 -22.84 24.46
CA GLY A 10 25.23 -22.73 25.22
C GLY A 10 24.06 -23.23 24.44
N ASP A 11 22.98 -22.48 24.55
CA ASP A 11 21.75 -22.71 23.81
C ASP A 11 21.97 -22.76 22.30
N GLU A 12 22.78 -21.85 21.78
CA GLU A 12 23.07 -21.72 20.34
C GLU A 12 22.90 -22.95 19.46
N ARG A 13 22.49 -22.72 18.22
CA ARG A 13 22.37 -23.80 17.24
C ARG A 13 22.74 -23.34 15.82
N LEU A 14 23.25 -24.24 15.00
CA LEU A 14 23.70 -23.88 13.67
C LEU A 14 22.68 -24.17 12.60
N ASP A 15 22.04 -23.12 12.12
CA ASP A 15 20.91 -23.20 11.21
C ASP A 15 21.29 -23.16 9.73
N TYR A 16 20.36 -23.63 8.90
CA TYR A 16 20.51 -23.63 7.44
C TYR A 16 19.80 -22.43 6.81
N LEU A 17 20.54 -21.71 5.97
CA LEU A 17 19.95 -20.80 5.02
C LEU A 17 19.85 -21.57 3.70
N LEU A 18 18.70 -22.19 3.45
CA LEU A 18 18.61 -23.18 2.38
C LEU A 18 18.84 -22.65 0.96
N ALA A 19 18.19 -21.54 0.59
CA ALA A 19 18.34 -20.98 -0.76
C ALA A 19 19.79 -20.58 -1.02
N GLU A 20 20.47 -20.11 0.02
CA GLU A 20 21.79 -19.53 -0.16
C GLU A 20 22.93 -20.49 0.12
N ASN A 21 22.59 -21.72 0.45
CA ASN A 21 23.62 -22.69 0.81
C ASN A 21 24.64 -22.24 1.86
N LEU A 22 24.13 -21.68 2.94
CA LEU A 22 24.99 -21.19 3.98
C LEU A 22 24.46 -21.65 5.31
N ARG A 23 25.24 -21.39 6.34
CA ARG A 23 24.87 -21.71 7.69
C ARG A 23 24.82 -20.42 8.49
N ILE A 24 23.99 -20.39 9.52
CA ILE A 24 23.94 -19.25 10.41
C ILE A 24 23.79 -19.70 11.86
N ILE A 25 24.67 -19.19 12.72
CA ILE A 25 24.64 -19.46 14.17
C ILE A 25 23.44 -18.74 14.77
N GLN A 26 22.66 -19.41 15.58
CA GLN A 26 21.45 -18.81 16.05
C GLN A 26 21.05 -19.27 17.43
N SER A 27 20.29 -18.47 18.15
CA SER A 27 19.75 -18.86 19.45
C SER A 27 18.27 -18.55 19.64
N PRO A 28 17.49 -19.54 19.99
CA PRO A 28 16.08 -19.39 20.26
C PRO A 28 15.93 -18.44 21.39
N SER A 29 16.84 -18.55 22.32
CA SER A 29 16.86 -17.64 23.40
C SER A 29 17.20 -16.19 23.06
N VAL A 30 18.28 -15.97 22.32
CA VAL A 30 18.81 -14.61 22.10
C VAL A 30 18.47 -13.89 20.80
N PHE A 31 18.70 -14.56 19.70
CA PHE A 31 18.35 -14.04 18.39
C PHE A 31 18.10 -15.14 17.37
N SER A 32 16.95 -15.04 16.70
CA SER A 32 16.66 -15.79 15.48
C SER A 32 16.16 -14.82 14.43
N PHE A 33 16.60 -15.01 13.19
CA PHE A 33 16.09 -14.18 12.11
C PHE A 33 14.61 -14.47 11.81
N SER A 34 13.93 -13.40 11.40
CA SER A 34 12.53 -13.40 11.02
C SER A 34 12.35 -13.35 9.49
N ILE A 35 11.13 -13.67 9.04
CA ILE A 35 10.76 -13.52 7.63
C ILE A 35 10.99 -12.09 7.14
N ASP A 36 10.75 -11.11 8.02
CA ASP A 36 11.03 -9.71 7.69
C ASP A 36 12.43 -9.49 7.09
N ALA A 37 13.44 -10.05 7.75
CA ALA A 37 14.84 -10.01 7.29
C ALA A 37 15.02 -10.61 5.90
N VAL A 38 14.48 -11.81 5.72
CA VAL A 38 14.58 -12.52 4.46
C VAL A 38 13.89 -11.73 3.36
N LEU A 39 12.76 -11.11 3.70
CA LEU A 39 12.02 -10.35 2.71
C LEU A 39 12.74 -9.07 2.37
N LEU A 40 13.34 -8.42 3.38
CA LEU A 40 14.07 -7.19 3.13
C LEU A 40 15.22 -7.49 2.18
N ALA A 41 15.91 -8.63 2.38
CA ALA A 41 17.05 -8.95 1.55
C ALA A 41 16.58 -9.08 0.12
N LYS A 42 15.56 -9.91 -0.07
CA LYS A 42 14.96 -10.19 -1.37
C LYS A 42 14.48 -8.90 -2.05
N PHE A 43 13.77 -8.08 -1.30
CA PHE A 43 13.33 -6.75 -1.74
C PHE A 43 14.42 -5.90 -2.36
N SER A 44 15.64 -6.00 -1.84
CA SER A 44 16.69 -5.03 -2.17
C SER A 44 17.34 -5.31 -3.52
N TYR A 45 17.31 -4.31 -4.40
CA TYR A 45 18.02 -4.32 -5.68
C TYR A 45 19.48 -3.95 -5.42
N LEU A 46 20.40 -4.76 -5.90
CA LEU A 46 21.83 -4.57 -5.64
C LEU A 46 22.57 -4.08 -6.89
N PRO A 47 23.67 -3.33 -6.71
CA PRO A 47 24.42 -2.79 -7.84
C PRO A 47 24.85 -3.88 -8.83
N ILE A 48 24.90 -3.54 -10.12
CA ILE A 48 25.25 -4.50 -11.19
C ILE A 48 26.60 -5.21 -10.96
N ARG A 49 27.55 -4.49 -10.40
CA ARG A 49 28.82 -5.08 -10.02
C ARG A 49 29.40 -4.23 -8.93
N LYS A 50 30.09 -4.87 -7.99
CA LYS A 50 30.91 -4.13 -7.02
C LYS A 50 29.95 -3.37 -6.10
N GLY A 51 30.39 -2.24 -5.54
CA GLY A 51 29.55 -1.45 -4.66
C GLY A 51 29.74 -1.77 -3.19
N LYS A 52 29.12 -0.94 -2.35
CA LYS A 52 29.31 -0.93 -0.92
C LYS A 52 27.95 -1.01 -0.26
N ILE A 53 27.72 -2.06 0.53
CA ILE A 53 26.45 -2.29 1.22
C ILE A 53 26.67 -2.15 2.72
N ILE A 54 25.79 -1.40 3.39
CA ILE A 54 25.83 -1.29 4.85
C ILE A 54 24.50 -1.75 5.44
N ASP A 55 24.59 -2.77 6.29
CA ASP A 55 23.44 -3.25 7.07
C ASP A 55 23.52 -2.64 8.46
N LEU A 56 22.63 -1.68 8.69
CA LEU A 56 22.64 -0.82 9.87
C LEU A 56 22.29 -1.46 11.21
N CYS A 57 21.37 -2.41 11.24
CA CYS A 57 21.08 -3.04 12.52
C CYS A 57 21.22 -4.53 12.34
N SER A 58 22.46 -4.98 12.32
CA SER A 58 22.77 -6.26 11.68
C SER A 58 22.33 -7.52 12.42
N GLY A 59 22.22 -7.44 13.73
CA GLY A 59 21.85 -8.58 14.54
C GLY A 59 22.86 -9.70 14.41
N ASN A 60 22.41 -10.91 14.09
CA ASN A 60 23.28 -12.05 13.98
C ASN A 60 23.78 -12.24 12.54
N GLY A 61 23.75 -11.14 11.77
CA GLY A 61 24.38 -11.10 10.46
C GLY A 61 23.54 -11.66 9.34
N ILE A 62 22.23 -11.84 9.57
CA ILE A 62 21.38 -12.50 8.60
C ILE A 62 21.37 -11.81 7.22
N ILE A 63 21.08 -10.52 7.17
CA ILE A 63 20.98 -9.87 5.87
C ILE A 63 22.31 -9.92 5.08
N PRO A 64 23.44 -9.55 5.72
CA PRO A 64 24.73 -9.60 5.07
C PRO A 64 25.03 -10.99 4.51
N LEU A 65 24.71 -12.02 5.28
CA LEU A 65 24.88 -13.36 4.75
C LEU A 65 24.00 -13.59 3.51
N LEU A 66 22.76 -13.09 3.54
CA LEU A 66 21.83 -13.34 2.41
C LEU A 66 22.25 -12.56 1.16
N LEU A 67 22.66 -11.31 1.35
CA LEU A 67 23.00 -10.45 0.23
C LEU A 67 24.28 -10.95 -0.43
N SER A 68 25.16 -11.55 0.38
CA SER A 68 26.49 -11.95 -0.08
C SER A 68 26.44 -12.93 -1.24
N THR A 69 25.39 -13.74 -1.32
CA THR A 69 25.41 -14.83 -2.28
C THR A 69 25.05 -14.32 -3.66
N ARG A 70 24.53 -13.09 -3.68
CA ARG A 70 23.93 -12.51 -4.89
C ARG A 70 24.82 -11.50 -5.61
N THR A 71 25.73 -10.89 -4.85
CA THR A 71 26.58 -9.83 -5.34
C THR A 71 28.04 -10.13 -5.01
N LYS A 72 28.94 -9.44 -5.69
CA LYS A 72 30.34 -9.51 -5.30
C LYS A 72 30.66 -8.29 -4.45
N ALA A 73 29.68 -7.42 -4.22
CA ALA A 73 29.88 -6.20 -3.38
C ALA A 73 30.29 -6.42 -1.92
N LYS A 74 31.00 -5.44 -1.36
CA LYS A 74 31.50 -5.47 0.01
C LYS A 74 30.41 -5.03 0.97
N ILE A 75 30.37 -5.67 2.13
CA ILE A 75 29.25 -5.51 3.06
C ILE A 75 29.74 -5.21 4.46
N VAL A 76 29.23 -4.14 5.07
CA VAL A 76 29.55 -3.81 6.46
C VAL A 76 28.32 -4.04 7.31
N GLY A 77 28.47 -4.87 8.34
CA GLY A 77 27.35 -5.20 9.20
C GLY A 77 27.59 -4.54 10.53
N VAL A 78 26.73 -3.59 10.90
CA VAL A 78 26.89 -2.86 12.17
C VAL A 78 26.00 -3.42 13.26
N GLU A 79 26.59 -3.91 14.34
CA GLU A 79 25.80 -4.41 15.46
C GLU A 79 26.51 -4.15 16.78
N ILE A 80 25.94 -3.25 17.60
CA ILE A 80 26.61 -2.86 18.85
C ILE A 80 26.43 -3.82 20.01
N GLN A 81 25.40 -4.67 19.94
CA GLN A 81 25.19 -5.68 20.99
C GLN A 81 26.21 -6.79 20.84
N GLU A 82 27.10 -6.86 21.84
CA GLU A 82 28.27 -7.73 21.86
C GLU A 82 28.01 -9.18 21.43
N ARG A 83 26.91 -9.76 21.91
CA ARG A 83 26.64 -11.18 21.72
C ARG A 83 26.15 -11.48 20.32
N LEU A 84 25.38 -10.55 19.75
CA LEU A 84 24.85 -10.73 18.42
C LEU A 84 25.98 -10.61 17.38
N ALA A 85 26.82 -9.59 17.54
CA ALA A 85 27.96 -9.35 16.66
C ALA A 85 28.86 -10.57 16.66
N ASP A 86 29.04 -11.18 17.82
CA ASP A 86 29.87 -12.36 17.92
C ASP A 86 29.31 -13.50 17.12
N MSE A 87 28.02 -13.66 17.16
CA MSE A 87 27.39 -14.71 16.41
C MSE A 87 27.56 -14.44 14.94
O MSE A 87 27.80 -15.32 14.18
CB MSE A 87 25.92 -14.80 16.75
CG MSE A 87 25.63 -15.35 18.10
SE MSE A 87 23.82 -15.05 18.57
CE MSE A 87 23.11 -16.48 17.65
N ALA A 88 27.42 -13.20 14.54
CA ALA A 88 27.62 -12.84 13.15
C ALA A 88 29.03 -13.11 12.74
N LYS A 89 29.97 -12.57 13.48
CA LYS A 89 31.38 -12.75 13.15
C LYS A 89 31.74 -14.20 12.96
N ARG A 90 31.18 -15.06 13.82
CA ARG A 90 31.52 -16.48 13.76
C ARG A 90 30.80 -17.15 12.61
N SER A 91 29.57 -16.71 12.34
CA SER A 91 28.83 -17.19 11.17
C SER A 91 29.51 -16.79 9.84
N VAL A 92 30.06 -15.57 9.77
CA VAL A 92 30.82 -15.11 8.61
C VAL A 92 32.09 -15.97 8.43
N ALA A 93 32.75 -16.33 9.54
CA ALA A 93 33.95 -17.13 9.47
C ALA A 93 33.65 -18.56 9.08
N TYR A 94 32.57 -19.11 9.58
CA TYR A 94 32.24 -20.45 9.23
C TYR A 94 31.99 -20.59 7.76
N ASN A 95 31.35 -19.59 7.20
CA ASN A 95 30.98 -19.58 5.82
C ASN A 95 32.09 -19.09 4.94
N GLN A 96 33.20 -18.72 5.56
CA GLN A 96 34.35 -18.26 4.84
C GLN A 96 34.14 -17.04 4.02
N LEU A 97 33.45 -16.09 4.61
CA LEU A 97 33.12 -14.85 3.97
C LEU A 97 33.80 -13.62 4.52
N GLU A 98 34.83 -13.77 5.34
CA GLU A 98 35.50 -12.63 5.98
C GLU A 98 36.03 -11.59 5.00
N ASP A 99 36.40 -12.01 3.79
CA ASP A 99 36.91 -11.06 2.80
C ASP A 99 35.83 -10.22 2.14
N GLN A 100 34.57 -10.53 2.41
CA GLN A 100 33.45 -9.78 1.86
C GLN A 100 32.59 -9.05 2.89
N ILE A 101 32.46 -9.62 4.09
CA ILE A 101 31.56 -9.09 5.11
C ILE A 101 32.32 -8.67 6.35
N GLU A 102 32.22 -7.40 6.70
CA GLU A 102 32.85 -6.90 7.91
C GLU A 102 31.79 -6.61 8.98
N ILE A 103 31.84 -7.29 10.12
CA ILE A 103 30.96 -6.96 11.23
C ILE A 103 31.66 -5.97 12.15
N ILE A 104 30.90 -4.96 12.60
CA ILE A 104 31.45 -3.82 13.30
C ILE A 104 30.52 -3.47 14.46
N GLU A 105 31.10 -3.16 15.63
CA GLU A 105 30.36 -2.93 16.87
C GLU A 105 30.50 -1.47 17.27
N TYR A 106 29.53 -0.67 16.90
CA TYR A 106 29.60 0.74 17.16
C TYR A 106 28.20 1.29 17.21
N ASP A 107 28.00 2.37 17.97
CA ASP A 107 26.72 3.10 17.98
C ASP A 107 26.43 3.63 16.58
N LEU A 108 25.27 3.27 16.01
CA LEU A 108 24.92 3.76 14.65
C LEU A 108 24.71 5.28 14.59
N LYS A 109 24.30 5.89 15.71
CA LYS A 109 24.14 7.34 15.73
C LYS A 109 25.48 8.02 15.43
N LYS A 110 26.56 7.29 15.68
CA LYS A 110 27.92 7.83 15.57
C LYS A 110 28.78 7.07 14.55
N ILE A 111 28.13 6.31 13.68
CA ILE A 111 28.83 5.41 12.77
C ILE A 111 29.76 6.13 11.79
N THR A 112 29.49 7.41 11.52
CA THR A 112 30.38 8.18 10.65
C THR A 112 31.74 8.46 11.29
N ASP A 113 31.92 7.97 12.52
CA ASP A 113 33.24 8.02 13.15
C ASP A 113 34.15 7.02 12.47
N LEU A 114 33.54 6.03 11.80
CA LEU A 114 34.23 4.85 11.29
C LEU A 114 34.02 4.69 9.80
N ILE A 115 32.86 5.12 9.32
CA ILE A 115 32.54 5.05 7.90
C ILE A 115 32.27 6.46 7.39
N PRO A 116 32.91 6.83 6.26
CA PRO A 116 32.72 8.18 5.72
C PRO A 116 31.30 8.40 5.17
N LYS A 117 30.78 9.59 5.40
CA LYS A 117 29.47 9.98 4.90
C LYS A 117 29.38 9.87 3.38
N GLU A 118 28.23 9.41 2.90
CA GLU A 118 27.84 9.56 1.49
C GLU A 118 28.70 8.79 0.50
N ARG A 119 29.25 7.63 0.91
CA ARG A 119 30.00 6.80 -0.04
C ARG A 119 29.36 5.42 -0.31
N ALA A 120 28.26 5.09 0.32
CA ALA A 120 27.68 3.76 0.14
C ALA A 120 26.64 3.68 -0.97
N ASP A 121 26.47 2.49 -1.51
CA ASP A 121 25.49 2.29 -2.56
C ASP A 121 24.15 1.93 -1.97
N ILE A 122 24.18 1.11 -0.92
CA ILE A 122 22.98 0.50 -0.39
C ILE A 122 23.06 0.43 1.09
N VAL A 123 22.03 0.96 1.74
CA VAL A 123 21.87 0.86 3.17
C VAL A 123 20.65 0.02 3.48
N THR A 124 20.77 -0.83 4.47
CA THR A 124 19.78 -1.80 4.79
C THR A 124 19.45 -1.74 6.26
N CYS A 125 18.18 -1.74 6.61
CA CYS A 125 17.85 -1.79 8.00
C CYS A 125 16.57 -2.46 8.39
N ASN A 126 16.67 -3.45 9.24
CA ASN A 126 15.51 -4.09 9.80
C ASN A 126 15.57 -3.96 11.30
N PRO A 127 14.89 -2.97 11.84
CA PRO A 127 14.97 -2.66 13.26
C PRO A 127 14.47 -3.81 14.15
N PRO A 128 15.01 -3.94 15.39
CA PRO A 128 14.86 -5.20 16.16
C PRO A 128 13.50 -5.37 16.89
N MSE A 152 10.19 5.19 18.10
CA MSE A 152 10.06 6.55 18.63
C MSE A 152 10.95 7.52 17.81
O MSE A 152 10.80 7.60 16.58
CB MSE A 152 10.41 6.59 20.13
CG MSE A 152 9.41 5.86 21.05
SE MSE A 152 7.99 6.95 21.89
CE MSE A 152 9.06 7.94 23.21
N CYS A 153 11.84 8.23 18.50
CA CYS A 153 12.88 9.07 17.88
C CYS A 153 13.94 8.22 17.18
N THR A 154 14.20 7.04 17.75
CA THR A 154 15.24 6.15 17.26
C THR A 154 15.05 5.82 15.77
N LEU A 155 13.81 5.83 15.29
CA LEU A 155 13.56 5.61 13.87
C LEU A 155 14.08 6.77 13.02
N GLU A 156 13.75 8.01 13.39
CA GLU A 156 14.32 9.17 12.71
C GLU A 156 15.85 9.11 12.70
N ASP A 157 16.42 8.72 13.83
CA ASP A 157 17.86 8.52 13.94
C ASP A 157 18.38 7.64 12.83
N THR A 158 17.80 6.45 12.69
CA THR A 158 18.33 5.47 11.76
C THR A 158 18.14 5.93 10.32
N ILE A 159 17.08 6.71 10.07
CA ILE A 159 16.77 7.13 8.70
C ILE A 159 17.69 8.26 8.28
N ARG A 160 17.95 9.17 9.23
CA ARG A 160 18.95 10.20 9.05
C ARG A 160 20.35 9.58 8.77
N VAL A 161 20.72 8.58 9.57
CA VAL A 161 22.04 7.99 9.45
C VAL A 161 22.15 7.26 8.13
N ALA A 162 21.14 6.47 7.81
CA ALA A 162 21.11 5.77 6.55
C ALA A 162 21.28 6.76 5.42
N ALA A 163 20.44 7.79 5.37
CA ALA A 163 20.57 8.85 4.37
C ALA A 163 22.00 9.42 4.26
N SER A 164 22.63 9.65 5.40
CA SER A 164 23.92 10.34 5.45
C SER A 164 25.05 9.44 4.98
N LEU A 165 24.77 8.14 4.84
CA LEU A 165 25.81 7.20 4.41
C LEU A 165 25.72 6.93 2.92
N LEU A 166 24.59 7.28 2.32
CA LEU A 166 24.36 6.95 0.92
C LEU A 166 24.89 8.07 0.00
N LYS A 167 25.48 7.70 -1.13
CA LYS A 167 25.78 8.68 -2.17
C LYS A 167 24.55 8.99 -3.04
N GLN A 168 24.65 10.01 -3.88
CA GLN A 168 23.58 10.36 -4.80
C GLN A 168 23.14 9.11 -5.54
N GLY A 169 21.84 8.82 -5.49
CA GLY A 169 21.30 7.66 -6.21
C GLY A 169 21.43 6.35 -5.46
N GLY A 170 21.95 6.42 -4.23
CA GLY A 170 22.06 5.25 -3.38
C GLY A 170 20.71 4.88 -2.82
N LYS A 171 20.53 3.60 -2.49
CA LYS A 171 19.24 3.10 -2.00
C LYS A 171 19.23 2.76 -0.50
N ALA A 172 18.17 3.16 0.19
CA ALA A 172 17.92 2.74 1.58
C ALA A 172 16.76 1.75 1.62
N ASN A 173 16.94 0.65 2.33
CA ASN A 173 15.88 -0.34 2.40
C ASN A 173 15.48 -0.60 3.83
N PHE A 174 14.20 -0.30 4.14
CA PHE A 174 13.68 -0.44 5.49
C PHE A 174 12.50 -1.39 5.55
N VAL A 175 12.39 -2.02 6.70
CA VAL A 175 11.27 -2.83 7.06
C VAL A 175 10.62 -2.10 8.19
N HIS A 176 9.32 -1.92 8.14
CA HIS A 176 8.59 -1.36 9.26
C HIS A 176 7.12 -1.67 9.34
N ARG A 177 6.49 -1.12 10.36
CA ARG A 177 5.07 -1.24 10.54
C ARG A 177 4.34 -0.22 9.75
N PRO A 178 3.36 -0.68 9.03
CA PRO A 178 2.47 0.08 8.14
C PRO A 178 1.82 1.30 8.75
N GLU A 179 1.57 1.24 10.06
CA GLU A 179 0.94 2.31 10.82
C GLU A 179 1.88 3.51 10.84
N ARG A 180 3.17 3.23 10.70
CA ARG A 180 4.21 4.27 10.74
C ARG A 180 4.52 4.86 9.36
N LEU A 181 4.13 4.14 8.30
CA LEU A 181 4.55 4.45 6.93
C LEU A 181 4.49 5.93 6.56
N LEU A 182 3.36 6.58 6.76
CA LEU A 182 3.22 7.95 6.30
C LEU A 182 4.18 8.91 7.00
N ASP A 183 4.39 8.66 8.29
CA ASP A 183 5.31 9.43 9.11
C ASP A 183 6.75 9.14 8.69
N ILE A 184 7.04 7.88 8.39
CA ILE A 184 8.33 7.49 7.82
C ILE A 184 8.67 8.32 6.56
N ILE A 185 7.70 8.49 5.67
CA ILE A 185 7.95 9.16 4.41
C ILE A 185 8.32 10.63 4.66
N ASP A 186 7.57 11.28 5.55
CA ASP A 186 7.91 12.64 5.93
C ASP A 186 9.39 12.68 6.32
N ILE A 187 9.80 11.69 7.08
CA ILE A 187 11.15 11.61 7.59
C ILE A 187 12.18 11.38 6.52
N MSE A 188 11.94 10.43 5.64
CA MSE A 188 12.86 10.16 4.57
C MSE A 188 13.15 11.40 3.75
O MSE A 188 14.23 11.59 3.26
CB MSE A 188 12.30 9.09 3.65
CG MSE A 188 12.00 7.80 4.33
SE MSE A 188 11.39 6.47 3.15
CE MSE A 188 12.83 6.24 2.04
N ARG A 189 12.14 12.21 3.59
CA ARG A 189 12.21 13.36 2.74
C ARG A 189 12.92 14.47 3.46
N LYS A 190 12.74 14.53 4.74
CA LYS A 190 13.43 15.50 5.57
C LYS A 190 14.94 15.30 5.42
N TYR A 191 15.37 14.05 5.18
CA TYR A 191 16.79 13.76 4.99
C TYR A 191 17.13 13.36 3.56
N ARG A 192 16.36 13.87 2.61
CA ARG A 192 16.68 13.74 1.18
C ARG A 192 16.68 12.30 0.68
N LEU A 193 15.79 11.49 1.26
CA LEU A 193 15.50 10.15 0.76
C LEU A 193 14.09 10.06 0.20
N GLU A 194 13.97 9.95 -1.12
CA GLU A 194 12.66 9.87 -1.76
C GLU A 194 12.18 8.42 -1.92
N PRO A 195 10.98 8.09 -1.50
CA PRO A 195 10.52 6.72 -1.64
C PRO A 195 10.22 6.37 -3.05
N LYS A 196 10.64 5.21 -3.53
CA LYS A 196 10.35 4.79 -4.88
C LYS A 196 9.71 3.44 -5.01
N ARG A 197 9.93 2.58 -4.04
CA ARG A 197 9.32 1.27 -4.07
C ARG A 197 8.74 0.89 -2.72
N ILE A 198 7.53 0.40 -2.72
CA ILE A 198 6.86 0.05 -1.49
C ILE A 198 6.22 -1.29 -1.68
N GLN A 199 6.45 -2.18 -0.72
CA GLN A 199 5.88 -3.51 -0.77
C GLN A 199 5.19 -3.79 0.54
N PHE A 200 3.95 -4.26 0.46
CA PHE A 200 3.19 -4.61 1.64
C PHE A 200 3.26 -6.11 1.85
N VAL A 201 3.35 -6.47 3.13
CA VAL A 201 3.30 -7.86 3.53
C VAL A 201 2.03 -8.10 4.32
N HIS A 202 1.23 -9.05 3.86
CA HIS A 202 -0.01 -9.46 4.49
C HIS A 202 0.14 -10.93 4.90
N PRO A 203 -0.15 -11.26 6.18
CA PRO A 203 -0.08 -12.63 6.70
C PRO A 203 -0.89 -13.63 5.88
N ARG A 204 -2.15 -13.33 5.64
CA ARG A 204 -2.96 -14.09 4.71
C ARG A 204 -3.60 -13.08 3.76
N SER A 205 -4.23 -13.58 2.70
CA SER A 205 -4.80 -12.73 1.66
C SER A 205 -6.05 -11.98 2.12
N ASP A 206 -6.66 -12.46 3.21
CA ASP A 206 -7.84 -11.80 3.77
C ASP A 206 -7.54 -10.96 5.03
N ARG A 207 -6.27 -10.68 5.29
CA ARG A 207 -5.89 -9.91 6.48
C ARG A 207 -5.16 -8.62 6.12
N GLU A 208 -5.18 -7.62 7.01
CA GLU A 208 -4.53 -6.35 6.75
C GLU A 208 -3.01 -6.50 6.82
N ALA A 209 -2.27 -5.51 6.33
CA ALA A 209 -0.81 -5.59 6.33
C ALA A 209 -0.19 -5.33 7.71
N ASN A 210 0.81 -6.14 8.06
CA ASN A 210 1.53 -5.97 9.32
C ASN A 210 3.00 -5.54 9.14
N THR A 211 3.48 -5.67 7.91
CA THR A 211 4.83 -5.22 7.55
C THR A 211 4.80 -4.50 6.19
N VAL A 212 5.59 -3.42 6.07
CA VAL A 212 5.86 -2.79 4.77
C VAL A 212 7.37 -2.62 4.46
N LEU A 213 7.78 -2.95 3.23
CA LEU A 213 9.17 -2.70 2.79
C LEU A 213 9.19 -1.45 1.94
N VAL A 214 10.16 -0.57 2.22
CA VAL A 214 10.27 0.72 1.53
C VAL A 214 11.67 0.90 0.94
N GLU A 215 11.76 1.45 -0.27
CA GLU A 215 13.04 1.87 -0.85
C GLU A 215 13.09 3.40 -1.01
N GLY A 216 14.18 4.03 -0.62
CA GLY A 216 14.37 5.46 -0.86
C GLY A 216 15.65 5.68 -1.67
N ILE A 217 15.57 6.44 -2.75
CA ILE A 217 16.78 6.81 -3.48
C ILE A 217 17.27 8.14 -2.88
N LYS A 218 18.57 8.26 -2.58
CA LYS A 218 19.11 9.52 -2.04
C LYS A 218 19.07 10.54 -3.15
N ASP A 219 18.43 11.67 -2.88
CA ASP A 219 18.17 12.72 -3.88
C ASP A 219 17.40 12.22 -5.10
N GLY A 220 16.63 11.14 -4.92
CA GLY A 220 15.82 10.58 -6.01
C GLY A 220 14.69 11.48 -6.48
N LYS A 221 14.17 11.19 -7.66
CA LYS A 221 13.04 11.92 -8.20
C LYS A 221 11.75 11.21 -7.86
N PRO A 222 10.72 12.00 -7.58
CA PRO A 222 9.49 11.49 -7.02
C PRO A 222 8.78 10.53 -7.89
N GLY A 223 8.10 9.58 -7.28
CA GLY A 223 7.37 8.58 -7.98
C GLY A 223 7.49 7.23 -7.37
N VAL A 224 6.40 6.71 -6.84
CA VAL A 224 6.42 5.42 -6.20
C VAL A 224 5.76 4.35 -7.03
N LYS A 225 6.36 3.18 -7.02
CA LYS A 225 5.74 1.98 -7.57
C LYS A 225 5.32 1.09 -6.41
N TYR A 226 4.06 0.69 -6.39
CA TYR A 226 3.61 -0.20 -5.33
C TYR A 226 3.71 -1.63 -5.79
N VAL A 227 4.78 -2.23 -5.35
CA VAL A 227 5.17 -3.54 -5.75
C VAL A 227 4.20 -4.57 -5.29
N PRO A 228 4.10 -5.68 -6.00
CA PRO A 228 3.17 -6.71 -5.65
C PRO A 228 3.40 -7.12 -4.25
N PRO A 229 2.35 -7.15 -3.47
CA PRO A 229 2.43 -7.47 -2.07
C PRO A 229 2.72 -8.92 -1.87
N VAL A 230 3.20 -9.21 -0.69
CA VAL A 230 3.54 -10.54 -0.34
C VAL A 230 2.51 -11.09 0.60
N ILE A 231 2.01 -12.25 0.24
CA ILE A 231 1.10 -13.01 1.08
C ILE A 231 1.88 -14.19 1.67
N VAL A 232 1.99 -14.22 3.00
CA VAL A 232 2.88 -15.15 3.72
C VAL A 232 2.34 -16.59 3.89
N TYR A 233 1.19 -16.73 4.55
CA TYR A 233 0.54 -18.03 4.83
C TYR A 233 -0.74 -18.17 4.01
N ASP A 234 -1.06 -19.41 3.63
CA ASP A 234 -2.33 -19.71 2.95
C ASP A 234 -3.46 -20.09 3.93
N GLU A 235 -4.67 -20.23 3.39
CA GLU A 235 -5.89 -20.56 4.16
C GLU A 235 -5.75 -21.72 5.17
N LEU A 236 -4.78 -22.60 4.92
CA LEU A 236 -4.55 -23.81 5.75
C LEU A 236 -3.63 -23.60 6.97
N GLY A 237 -2.70 -22.66 6.86
CA GLY A 237 -1.79 -22.35 7.97
C GLY A 237 -0.32 -22.31 7.55
N GLU A 238 0.03 -22.96 6.45
CA GLU A 238 1.43 -22.99 6.02
C GLU A 238 1.87 -22.01 4.91
N TYR A 239 3.17 -21.92 4.69
CA TYR A 239 3.75 -20.93 3.81
C TYR A 239 3.24 -21.00 2.38
N THR A 240 3.15 -19.83 1.78
CA THR A 240 2.76 -19.68 0.41
C THR A 240 3.89 -20.11 -0.44
N PRO A 241 3.61 -20.39 -1.69
CA PRO A 241 4.64 -20.81 -2.61
C PRO A 241 5.66 -19.75 -2.82
N VAL A 242 5.23 -18.52 -2.90
CA VAL A 242 6.18 -17.43 -3.04
C VAL A 242 7.24 -17.45 -1.92
N ILE A 243 6.78 -17.70 -0.69
CA ILE A 243 7.65 -17.66 0.49
C ILE A 243 8.57 -18.87 0.55
N LYS A 244 8.03 -20.02 0.15
CA LYS A 244 8.79 -21.25 0.04
C LYS A 244 10.03 -21.08 -0.85
N GLU A 245 9.88 -20.45 -2.01
CA GLU A 245 11.02 -20.20 -2.89
C GLU A 245 12.10 -19.29 -2.24
N ILE A 246 11.66 -18.22 -1.58
CA ILE A 246 12.57 -17.34 -0.85
C ILE A 246 13.29 -18.10 0.26
N LEU A 247 12.63 -19.07 0.88
CA LEU A 247 13.23 -19.79 1.98
C LEU A 247 13.97 -21.06 1.54
N TYR A 248 13.58 -21.61 0.38
CA TYR A 248 14.06 -22.94 -0.04
C TYR A 248 14.78 -22.96 -1.39
N GLY A 249 14.76 -21.84 -2.12
CA GLY A 249 15.45 -21.73 -3.40
C GLY A 249 14.69 -22.37 -4.56
N LYS B 5 -42.95 0.41 -21.79
CA LYS B 5 -42.92 0.88 -20.37
C LYS B 5 -41.57 1.57 -20.06
N LEU B 6 -40.49 1.06 -20.64
CA LEU B 6 -39.18 1.73 -20.63
C LEU B 6 -38.79 2.23 -22.03
N LYS B 7 -38.21 3.43 -22.07
CA LYS B 7 -37.87 4.12 -23.32
C LYS B 7 -36.35 4.19 -23.52
N LEU B 8 -35.78 3.24 -24.27
CA LEU B 8 -34.34 3.23 -24.57
C LEU B 8 -33.99 4.09 -25.79
N ILE B 9 -32.84 4.74 -25.78
CA ILE B 9 -32.48 5.71 -26.85
C ILE B 9 -31.17 5.41 -27.59
N GLY B 10 -31.29 5.00 -28.86
CA GLY B 10 -30.15 4.79 -29.75
C GLY B 10 -29.20 3.66 -29.37
N ASP B 11 -28.02 4.05 -28.94
CA ASP B 11 -26.92 3.14 -28.57
C ASP B 11 -27.16 2.29 -27.30
N GLU B 12 -28.21 2.62 -26.54
CA GLU B 12 -28.42 2.17 -25.14
C GLU B 12 -28.90 0.75 -24.93
N ARG B 13 -28.43 0.12 -23.86
CA ARG B 13 -28.89 -1.19 -23.48
C ARG B 13 -29.15 -1.30 -21.97
N LEU B 14 -30.00 -2.23 -21.55
CA LEU B 14 -30.27 -2.39 -20.15
C LEU B 14 -29.50 -3.55 -19.60
N ASP B 15 -28.43 -3.23 -18.89
CA ASP B 15 -27.52 -4.18 -18.32
C ASP B 15 -28.01 -4.68 -17.00
N TYR B 16 -27.25 -5.55 -16.38
CA TYR B 16 -27.59 -6.08 -15.09
C TYR B 16 -26.56 -5.78 -14.02
N LEU B 17 -27.01 -5.34 -12.87
CA LEU B 17 -26.18 -5.34 -11.67
C LEU B 17 -26.53 -6.63 -10.95
N LEU B 18 -25.76 -7.70 -11.20
CA LEU B 18 -26.18 -9.07 -10.91
C LEU B 18 -26.23 -9.39 -9.43
N ALA B 19 -25.21 -8.97 -8.70
CA ALA B 19 -25.19 -9.11 -7.24
C ALA B 19 -26.34 -8.36 -6.59
N GLU B 20 -26.78 -7.30 -7.21
CA GLU B 20 -27.79 -6.50 -6.58
C GLU B 20 -29.17 -6.61 -7.13
N ASN B 21 -29.37 -7.46 -8.11
CA ASN B 21 -30.66 -7.62 -8.73
C ASN B 21 -31.27 -6.33 -9.22
N LEU B 22 -30.48 -5.55 -9.92
CA LEU B 22 -30.90 -4.28 -10.42
C LEU B 22 -30.48 -4.18 -11.85
N ARG B 23 -30.99 -3.19 -12.55
CA ARG B 23 -30.65 -3.00 -13.93
C ARG B 23 -30.12 -1.63 -14.12
N ILE B 24 -29.21 -1.44 -15.05
CA ILE B 24 -28.67 -0.10 -15.30
C ILE B 24 -28.62 0.19 -16.80
N ILE B 25 -29.11 1.38 -17.19
CA ILE B 25 -29.01 1.83 -18.56
C ILE B 25 -27.58 2.24 -18.88
N GLN B 26 -27.07 1.70 -19.98
CA GLN B 26 -25.67 1.80 -20.28
C GLN B 26 -25.47 1.96 -21.81
N SER B 27 -24.34 2.55 -22.20
CA SER B 27 -24.03 2.76 -23.62
C SER B 27 -22.54 2.55 -23.93
N PRO B 28 -22.24 1.67 -24.90
CA PRO B 28 -20.87 1.40 -25.36
C PRO B 28 -20.14 2.63 -25.91
N SER B 29 -20.86 3.61 -26.44
CA SER B 29 -20.23 4.88 -26.84
C SER B 29 -20.16 5.87 -25.69
N VAL B 30 -21.31 6.18 -25.08
CA VAL B 30 -21.39 7.26 -24.08
C VAL B 30 -20.80 6.92 -22.69
N PHE B 31 -21.29 5.86 -22.04
CA PHE B 31 -20.83 5.49 -20.69
C PHE B 31 -21.06 4.02 -20.33
N SER B 32 -20.04 3.39 -19.75
CA SER B 32 -20.15 2.04 -19.18
C SER B 32 -19.41 1.98 -17.85
N PHE B 33 -20.05 1.43 -16.83
CA PHE B 33 -19.37 1.31 -15.53
C PHE B 33 -18.15 0.38 -15.58
N SER B 34 -17.11 0.81 -14.88
CA SER B 34 -15.86 0.10 -14.79
C SER B 34 -15.77 -0.68 -13.47
N ILE B 35 -14.82 -1.61 -13.42
CA ILE B 35 -14.48 -2.35 -12.21
C ILE B 35 -14.20 -1.42 -11.01
N ASP B 36 -13.47 -0.34 -11.25
CA ASP B 36 -13.17 0.64 -10.23
C ASP B 36 -14.40 1.07 -9.42
N ALA B 37 -15.50 1.35 -10.11
CA ALA B 37 -16.72 1.81 -9.46
C ALA B 37 -17.35 0.73 -8.55
N VAL B 38 -17.34 -0.50 -9.02
CA VAL B 38 -17.83 -1.59 -8.21
C VAL B 38 -16.97 -1.79 -6.97
N LEU B 39 -15.66 -1.75 -7.16
CA LEU B 39 -14.69 -1.88 -6.07
C LEU B 39 -14.79 -0.75 -5.07
N LEU B 40 -15.06 0.46 -5.55
CA LEU B 40 -15.21 1.59 -4.64
C LEU B 40 -16.50 1.46 -3.83
N ALA B 41 -17.60 1.08 -4.49
CA ALA B 41 -18.83 0.81 -3.77
C ALA B 41 -18.58 -0.20 -2.64
N LYS B 42 -17.93 -1.32 -2.94
CA LYS B 42 -17.68 -2.36 -1.95
C LYS B 42 -16.75 -1.91 -0.81
N PHE B 43 -15.73 -1.15 -1.15
CA PHE B 43 -14.81 -0.54 -0.20
C PHE B 43 -15.54 0.33 0.83
N SER B 44 -16.57 1.03 0.40
CA SER B 44 -17.26 2.01 1.27
C SER B 44 -18.04 1.40 2.44
N TYR B 45 -17.74 1.87 3.65
CA TYR B 45 -18.42 1.45 4.87
C TYR B 45 -19.58 2.37 5.08
N LEU B 46 -20.80 1.85 5.03
CA LEU B 46 -22.00 2.67 5.19
C LEU B 46 -22.39 2.84 6.67
N PRO B 47 -23.17 3.89 7.00
CA PRO B 47 -23.65 4.08 8.37
C PRO B 47 -24.58 2.93 8.80
N ILE B 48 -24.55 2.60 10.09
CA ILE B 48 -25.31 1.46 10.59
C ILE B 48 -26.80 1.56 10.23
N ARG B 49 -27.38 2.75 10.38
CA ARG B 49 -28.71 3.01 9.88
C ARG B 49 -28.70 4.41 9.30
N LYS B 50 -29.47 4.63 8.23
CA LYS B 50 -29.84 5.99 7.88
C LYS B 50 -28.62 6.69 7.28
N GLY B 51 -28.59 8.02 7.33
CA GLY B 51 -27.43 8.78 6.90
C GLY B 51 -27.58 9.46 5.54
N LYS B 52 -26.58 10.25 5.18
CA LYS B 52 -26.60 10.96 3.92
C LYS B 52 -25.36 10.58 3.15
N ILE B 53 -25.58 10.11 1.93
CA ILE B 53 -24.52 9.68 1.00
C ILE B 53 -24.57 10.51 -0.28
N ILE B 54 -23.43 11.10 -0.64
CA ILE B 54 -23.29 11.83 -1.88
C ILE B 54 -22.22 11.20 -2.76
N ASP B 55 -22.61 10.86 -3.99
CA ASP B 55 -21.68 10.45 -5.05
C ASP B 55 -21.39 11.66 -5.93
N LEU B 56 -20.18 12.15 -5.84
CA LEU B 56 -19.73 13.33 -6.54
C LEU B 56 -19.61 13.27 -8.05
N CYS B 57 -19.20 12.15 -8.60
CA CYS B 57 -19.01 12.07 -10.02
C CYS B 57 -19.79 10.91 -10.49
N SER B 58 -21.08 11.09 -10.50
CA SER B 58 -22.02 10.03 -10.67
C SER B 58 -22.04 9.23 -11.96
N GLY B 59 -21.81 9.87 -13.08
CA GLY B 59 -21.85 9.20 -14.34
C GLY B 59 -23.23 8.71 -14.58
N ASN B 60 -23.39 7.44 -14.90
CA ASN B 60 -24.72 6.91 -15.13
C ASN B 60 -25.37 6.33 -13.86
N GLY B 61 -24.80 6.71 -12.72
CA GLY B 61 -25.36 6.38 -11.40
C GLY B 61 -25.06 4.98 -10.90
N ILE B 62 -23.96 4.41 -11.39
CA ILE B 62 -23.51 3.08 -10.95
C ILE B 62 -23.39 2.95 -9.41
N ILE B 63 -22.66 3.86 -8.78
CA ILE B 63 -22.43 3.77 -7.34
C ILE B 63 -23.72 3.95 -6.47
N PRO B 64 -24.51 5.02 -6.69
CA PRO B 64 -25.79 5.09 -5.97
C PRO B 64 -26.61 3.81 -6.12
N LEU B 65 -26.63 3.22 -7.31
CA LEU B 65 -27.42 2.02 -7.49
C LEU B 65 -26.86 0.90 -6.61
N LEU B 66 -25.55 0.77 -6.57
CA LEU B 66 -24.89 -0.29 -5.80
C LEU B 66 -25.05 -0.10 -4.30
N LEU B 67 -24.85 1.12 -3.83
CA LEU B 67 -24.93 1.41 -2.41
C LEU B 67 -26.35 1.29 -1.90
N SER B 68 -27.31 1.65 -2.76
CA SER B 68 -28.73 1.61 -2.38
C SER B 68 -29.19 0.25 -1.85
N THR B 69 -28.58 -0.83 -2.31
CA THR B 69 -29.08 -2.17 -1.90
C THR B 69 -28.66 -2.50 -0.50
N ARG B 70 -27.75 -1.68 0.02
CA ARG B 70 -27.05 -2.01 1.25
C ARG B 70 -27.51 -1.23 2.46
N THR B 71 -28.10 -0.06 2.21
CA THR B 71 -28.51 0.87 3.26
C THR B 71 -29.89 1.45 2.98
N LYS B 72 -30.55 1.99 4.02
CA LYS B 72 -31.75 2.80 3.81
C LYS B 72 -31.36 4.29 3.69
N ALA B 73 -30.08 4.61 3.83
CA ALA B 73 -29.64 6.01 3.70
C ALA B 73 -30.08 6.65 2.39
N LYS B 74 -30.27 7.96 2.45
CA LYS B 74 -30.62 8.75 1.27
C LYS B 74 -29.36 8.96 0.49
N ILE B 75 -29.48 8.89 -0.84
CA ILE B 75 -28.31 9.07 -1.69
C ILE B 75 -28.52 10.17 -2.74
N VAL B 76 -27.56 11.09 -2.83
CA VAL B 76 -27.52 12.05 -3.91
C VAL B 76 -26.40 11.62 -4.83
N GLY B 77 -26.65 11.62 -6.15
CA GLY B 77 -25.61 11.39 -7.13
C GLY B 77 -25.50 12.62 -8.01
N VAL B 78 -24.35 13.28 -7.98
CA VAL B 78 -24.13 14.53 -8.72
C VAL B 78 -23.42 14.30 -10.06
N GLU B 79 -24.02 14.70 -11.17
CA GLU B 79 -23.39 14.52 -12.50
C GLU B 79 -23.60 15.70 -13.41
N ILE B 80 -22.51 16.40 -13.76
CA ILE B 80 -22.58 17.62 -14.58
C ILE B 80 -23.10 17.47 -16.01
N GLN B 81 -22.83 16.33 -16.66
CA GLN B 81 -23.23 16.11 -18.05
C GLN B 81 -24.66 15.63 -18.19
N GLU B 82 -25.47 16.40 -18.89
CA GLU B 82 -26.90 16.09 -19.07
C GLU B 82 -27.16 14.65 -19.52
N ARG B 83 -26.34 14.16 -20.45
CA ARG B 83 -26.57 12.87 -21.05
C ARG B 83 -26.42 11.74 -20.03
N LEU B 84 -25.42 11.88 -19.17
CA LEU B 84 -25.11 10.87 -18.16
C LEU B 84 -26.14 10.93 -17.02
N ALA B 85 -26.44 12.14 -16.57
CA ALA B 85 -27.46 12.34 -15.56
C ALA B 85 -28.82 11.82 -16.00
N ASP B 86 -29.13 11.94 -17.27
CA ASP B 86 -30.40 11.49 -17.74
C ASP B 86 -30.46 10.00 -17.82
N MSE B 87 -29.33 9.37 -17.99
CA MSE B 87 -29.32 7.94 -17.95
C MSE B 87 -29.54 7.53 -16.53
O MSE B 87 -30.37 6.72 -16.25
CB MSE B 87 -27.99 7.40 -18.43
CG MSE B 87 -27.79 7.43 -19.92
SE MSE B 87 -26.11 6.77 -20.47
CE MSE B 87 -26.31 5.01 -19.93
N ALA B 88 -28.80 8.11 -15.62
CA ALA B 88 -28.94 7.80 -14.23
C ALA B 88 -30.36 7.96 -13.75
N LYS B 89 -30.94 9.12 -13.97
CA LYS B 89 -32.33 9.37 -13.58
C LYS B 89 -33.29 8.29 -14.11
N ARG B 90 -33.07 7.84 -15.33
CA ARG B 90 -33.91 6.81 -15.91
C ARG B 90 -33.67 5.44 -15.30
N SER B 91 -32.42 5.12 -14.98
CA SER B 91 -32.10 3.85 -14.33
C SER B 91 -32.69 3.79 -12.91
N VAL B 92 -32.58 4.90 -12.19
CA VAL B 92 -33.17 5.03 -10.87
C VAL B 92 -34.68 4.82 -10.94
N ALA B 93 -35.33 5.48 -11.91
CA ALA B 93 -36.77 5.35 -12.07
C ALA B 93 -37.18 3.94 -12.49
N TYR B 94 -36.41 3.30 -13.34
CA TYR B 94 -36.72 1.95 -13.73
C TYR B 94 -36.71 1.05 -12.53
N ASN B 95 -35.76 1.27 -11.66
CA ASN B 95 -35.62 0.46 -10.50
C ASN B 95 -36.53 0.89 -9.36
N GLN B 96 -37.23 1.99 -9.52
CA GLN B 96 -38.12 2.49 -8.50
C GLN B 96 -37.41 2.83 -7.23
N LEU B 97 -36.27 3.48 -7.38
CA LEU B 97 -35.46 3.93 -6.28
C LEU B 97 -35.48 5.42 -6.17
N GLU B 98 -36.50 6.04 -6.72
CA GLU B 98 -36.62 7.48 -6.74
C GLU B 98 -36.71 8.05 -5.36
N ASP B 99 -37.36 7.36 -4.46
CA ASP B 99 -37.51 7.87 -3.11
C ASP B 99 -36.27 7.73 -2.24
N GLN B 100 -35.23 7.11 -2.79
CA GLN B 100 -33.97 6.97 -2.07
C GLN B 100 -32.79 7.65 -2.79
N ILE B 101 -32.75 7.58 -4.12
CA ILE B 101 -31.63 8.14 -4.90
C ILE B 101 -32.06 9.41 -5.65
N GLU B 102 -31.34 10.50 -5.45
CA GLU B 102 -31.65 11.71 -6.13
C GLU B 102 -30.48 12.09 -7.04
N ILE B 103 -30.67 11.97 -8.34
CA ILE B 103 -29.63 12.41 -9.26
C ILE B 103 -29.78 13.90 -9.53
N ILE B 104 -28.70 14.64 -9.37
CA ILE B 104 -28.72 16.06 -9.69
C ILE B 104 -27.76 16.38 -10.82
N GLU B 105 -28.26 17.00 -11.86
CA GLU B 105 -27.41 17.44 -12.94
C GLU B 105 -26.89 18.81 -12.55
N TYR B 106 -25.67 18.86 -12.05
CA TYR B 106 -25.10 20.09 -11.60
C TYR B 106 -23.60 19.97 -11.55
N ASP B 107 -22.89 21.08 -11.56
CA ASP B 107 -21.47 21.05 -11.47
C ASP B 107 -21.09 20.89 -10.05
N LEU B 108 -20.26 19.90 -9.77
CA LEU B 108 -19.88 19.57 -8.42
C LEU B 108 -19.19 20.70 -7.70
N LYS B 109 -18.44 21.49 -8.43
CA LYS B 109 -17.72 22.61 -7.85
C LYS B 109 -18.70 23.67 -7.28
N LYS B 110 -19.98 23.48 -7.55
CA LYS B 110 -21.01 24.46 -7.23
C LYS B 110 -22.18 23.85 -6.45
N ILE B 111 -22.01 22.61 -5.98
CA ILE B 111 -23.07 21.81 -5.39
C ILE B 111 -23.52 22.33 -4.02
N THR B 112 -22.61 23.04 -3.39
CA THR B 112 -22.85 23.89 -2.24
C THR B 112 -24.00 24.87 -2.50
N ASP B 113 -24.34 25.10 -3.76
CA ASP B 113 -25.50 25.93 -4.08
C ASP B 113 -26.77 25.26 -3.65
N LEU B 114 -26.76 23.93 -3.64
CA LEU B 114 -27.97 23.15 -3.42
C LEU B 114 -27.97 22.39 -2.09
N ILE B 115 -26.80 21.90 -1.70
CA ILE B 115 -26.64 21.03 -0.56
C ILE B 115 -25.80 21.73 0.51
N PRO B 116 -26.30 21.77 1.77
CA PRO B 116 -25.56 22.44 2.83
C PRO B 116 -24.19 21.80 3.06
N LYS B 117 -23.22 22.65 3.45
CA LYS B 117 -21.91 22.19 3.87
C LYS B 117 -21.95 21.35 5.15
N GLU B 118 -21.15 20.30 5.19
CA GLU B 118 -20.82 19.64 6.47
C GLU B 118 -21.97 18.92 7.15
N ARG B 119 -22.83 18.25 6.37
CA ARG B 119 -23.96 17.56 6.92
C ARG B 119 -24.00 16.15 6.37
N ALA B 120 -23.03 15.79 5.54
CA ALA B 120 -23.07 14.48 4.92
C ALA B 120 -22.27 13.46 5.74
N ASP B 121 -22.67 12.20 5.62
CA ASP B 121 -21.98 11.12 6.28
C ASP B 121 -20.89 10.51 5.39
N ILE B 122 -21.22 10.33 4.12
CA ILE B 122 -20.32 9.65 3.21
C ILE B 122 -20.28 10.34 1.86
N VAL B 123 -19.08 10.74 1.44
CA VAL B 123 -18.86 11.17 0.08
C VAL B 123 -18.01 10.16 -0.69
N THR B 124 -18.39 10.00 -1.95
CA THR B 124 -17.85 9.00 -2.81
C THR B 124 -17.43 9.66 -4.12
N CYS B 125 -16.28 9.25 -4.65
CA CYS B 125 -15.85 9.75 -5.96
C CYS B 125 -14.98 8.80 -6.75
N ASN B 126 -15.45 8.51 -7.96
CA ASN B 126 -14.70 7.74 -8.92
C ASN B 126 -14.47 8.61 -10.14
N PRO B 127 -13.33 9.34 -10.17
CA PRO B 127 -13.05 10.26 -11.28
C PRO B 127 -12.84 9.53 -12.63
N PRO B 128 -13.34 10.12 -13.73
CA PRO B 128 -13.16 9.45 -15.03
C PRO B 128 -11.83 9.82 -15.69
N MSE B 152 -5.22 15.78 -12.28
CA MSE B 152 -4.72 17.13 -12.47
C MSE B 152 -4.99 18.00 -11.24
O MSE B 152 -4.86 17.53 -10.10
CB MSE B 152 -5.34 17.74 -13.75
CG MSE B 152 -4.52 17.54 -15.03
SE MSE B 152 -3.29 19.03 -15.49
CE MSE B 152 -4.60 20.50 -15.60
N CYS B 153 -5.35 19.26 -11.49
CA CYS B 153 -5.72 20.25 -10.46
C CYS B 153 -7.22 20.14 -10.11
N THR B 154 -7.98 19.56 -11.04
CA THR B 154 -9.39 19.28 -10.85
C THR B 154 -9.58 18.29 -9.69
N LEU B 155 -8.54 17.52 -9.39
CA LEU B 155 -8.58 16.53 -8.34
C LEU B 155 -8.58 17.14 -6.94
N GLU B 156 -7.91 18.28 -6.79
CA GLU B 156 -7.98 19.07 -5.56
C GLU B 156 -9.38 19.61 -5.30
N ASP B 157 -10.02 20.13 -6.35
CA ASP B 157 -11.42 20.56 -6.28
C ASP B 157 -12.32 19.46 -5.72
N THR B 158 -12.28 18.26 -6.30
CA THR B 158 -13.20 17.21 -5.88
C THR B 158 -12.94 16.81 -4.43
N ILE B 159 -11.67 16.87 -4.01
CA ILE B 159 -11.31 16.59 -2.61
C ILE B 159 -11.77 17.72 -1.69
N ARG B 160 -11.46 18.96 -2.07
CA ARG B 160 -11.98 20.16 -1.40
C ARG B 160 -13.48 20.07 -1.19
N VAL B 161 -14.22 19.76 -2.26
CA VAL B 161 -15.68 19.74 -2.21
C VAL B 161 -16.19 18.59 -1.35
N ALA B 162 -15.60 17.40 -1.53
CA ALA B 162 -15.97 16.24 -0.72
C ALA B 162 -15.81 16.58 0.76
N ALA B 163 -14.63 17.11 1.12
CA ALA B 163 -14.34 17.48 2.50
C ALA B 163 -15.41 18.43 3.04
N SER B 164 -15.66 19.51 2.33
CA SER B 164 -16.67 20.50 2.71
C SER B 164 -18.08 19.93 2.87
N LEU B 165 -18.39 18.82 2.23
CA LEU B 165 -19.73 18.26 2.36
C LEU B 165 -19.88 17.43 3.64
N LEU B 166 -18.76 17.01 4.20
CA LEU B 166 -18.78 16.03 5.28
C LEU B 166 -18.86 16.65 6.66
N LYS B 167 -19.67 16.05 7.53
CA LYS B 167 -19.62 16.42 8.95
C LYS B 167 -18.40 15.73 9.60
N GLN B 168 -17.97 16.23 10.75
CA GLN B 168 -16.91 15.60 11.53
C GLN B 168 -17.21 14.10 11.69
N GLY B 169 -16.25 13.25 11.31
CA GLY B 169 -16.43 11.81 11.40
C GLY B 169 -16.92 11.23 10.10
N GLY B 170 -17.31 12.11 9.18
CA GLY B 170 -17.70 11.68 7.83
C GLY B 170 -16.53 11.10 7.05
N LYS B 171 -16.85 10.20 6.12
CA LYS B 171 -15.86 9.52 5.28
C LYS B 171 -15.85 10.08 3.87
N ALA B 172 -14.67 10.30 3.28
CA ALA B 172 -14.58 10.44 1.82
C ALA B 172 -13.85 9.23 1.23
N ASN B 173 -14.48 8.59 0.26
CA ASN B 173 -13.90 7.43 -0.43
C ASN B 173 -13.55 7.79 -1.86
N PHE B 174 -12.26 7.68 -2.20
CA PHE B 174 -11.84 7.93 -3.59
C PHE B 174 -11.19 6.71 -4.23
N VAL B 175 -11.30 6.65 -5.56
CA VAL B 175 -10.45 5.81 -6.39
C VAL B 175 -9.41 6.72 -6.98
N HIS B 176 -8.13 6.36 -6.88
CA HIS B 176 -7.17 7.00 -7.78
CA HIS B 176 -7.00 7.05 -7.49
C HIS B 176 -6.04 6.12 -8.27
N ARG B 177 -5.17 6.74 -9.06
CA ARG B 177 -4.00 6.10 -9.60
C ARG B 177 -2.91 6.21 -8.51
N PRO B 178 -2.28 5.07 -8.16
CA PRO B 178 -1.28 4.93 -7.10
C PRO B 178 -0.13 5.91 -7.19
N GLU B 179 0.31 6.24 -8.40
CA GLU B 179 1.39 7.19 -8.55
C GLU B 179 1.05 8.56 -7.93
N ARG B 180 -0.24 8.85 -7.77
CA ARG B 180 -0.68 10.14 -7.21
C ARG B 180 -0.89 10.11 -5.69
N LEU B 181 -0.91 8.91 -5.11
CA LEU B 181 -1.31 8.69 -3.71
C LEU B 181 -0.73 9.62 -2.65
N LEU B 182 0.55 9.95 -2.74
CA LEU B 182 1.18 10.76 -1.72
C LEU B 182 0.83 12.24 -1.89
N ASP B 183 0.82 12.68 -3.16
CA ASP B 183 0.39 14.02 -3.55
C ASP B 183 -1.05 14.22 -3.05
N ILE B 184 -1.84 13.14 -3.14
CA ILE B 184 -3.21 13.16 -2.68
C ILE B 184 -3.35 13.27 -1.18
N ILE B 185 -2.57 12.51 -0.43
CA ILE B 185 -2.67 12.52 1.04
C ILE B 185 -2.36 13.95 1.54
N ASP B 186 -1.43 14.61 0.87
CA ASP B 186 -1.13 16.01 1.14
C ASP B 186 -2.34 16.90 0.83
N ILE B 187 -3.08 16.57 -0.19
CA ILE B 187 -4.24 17.36 -0.49
C ILE B 187 -5.35 17.09 0.48
N MSE B 188 -5.55 15.84 0.82
CA MSE B 188 -6.57 15.50 1.76
C MSE B 188 -6.44 16.28 3.04
O MSE B 188 -7.39 16.83 3.52
CB MSE B 188 -6.55 14.01 2.05
CG MSE B 188 -6.75 13.19 0.85
SE MSE B 188 -7.02 11.35 1.13
CE MSE B 188 -8.25 11.32 2.50
N ARG B 189 -5.23 16.33 3.58
CA ARG B 189 -5.04 16.96 4.87
C ARG B 189 -5.19 18.45 4.78
N LYS B 190 -4.89 19.01 3.65
CA LYS B 190 -5.03 20.41 3.47
C LYS B 190 -6.46 20.75 3.77
N TYR B 191 -7.36 19.87 3.40
CA TYR B 191 -8.75 20.10 3.66
C TYR B 191 -9.35 19.40 4.85
N ARG B 192 -8.53 18.81 5.70
CA ARG B 192 -9.03 18.17 6.90
C ARG B 192 -9.56 16.75 6.84
N LEU B 193 -9.13 16.01 5.83
CA LEU B 193 -9.42 14.61 5.71
C LEU B 193 -8.18 13.83 6.03
N GLU B 194 -8.28 12.87 6.92
CA GLU B 194 -7.17 12.05 7.30
C GLU B 194 -7.38 10.66 6.77
N PRO B 195 -6.37 10.12 6.13
CA PRO B 195 -6.48 8.80 5.53
C PRO B 195 -6.58 7.75 6.58
N LYS B 196 -7.51 6.81 6.49
CA LYS B 196 -7.60 5.77 7.49
C LYS B 196 -7.55 4.36 6.94
N ARG B 197 -8.05 4.17 5.75
CA ARG B 197 -8.02 2.88 5.12
C ARG B 197 -7.54 3.01 3.71
N ILE B 198 -6.57 2.21 3.32
CA ILE B 198 -6.09 2.20 1.93
C ILE B 198 -6.13 0.79 1.39
N GLN B 199 -6.63 0.64 0.17
CA GLN B 199 -6.68 -0.67 -0.50
C GLN B 199 -6.10 -0.60 -1.90
N PHE B 200 -5.11 -1.44 -2.17
CA PHE B 200 -4.45 -1.45 -3.46
C PHE B 200 -5.14 -2.46 -4.34
N VAL B 201 -5.23 -2.15 -5.64
CA VAL B 201 -5.74 -3.10 -6.63
C VAL B 201 -4.58 -3.50 -7.52
N HIS B 202 -4.41 -4.81 -7.75
CA HIS B 202 -3.35 -5.30 -8.62
C HIS B 202 -3.97 -6.24 -9.68
N PRO B 203 -3.77 -5.92 -10.98
CA PRO B 203 -4.29 -6.69 -12.11
C PRO B 203 -4.04 -8.18 -11.95
N ARG B 204 -2.81 -8.52 -11.59
CA ARG B 204 -2.41 -9.90 -11.33
C ARG B 204 -1.51 -9.95 -10.08
N SER B 205 -1.32 -11.14 -9.52
CA SER B 205 -0.63 -11.27 -8.25
C SER B 205 0.85 -10.89 -8.33
N ASP B 206 1.36 -10.69 -9.54
CA ASP B 206 2.76 -10.32 -9.79
C ASP B 206 2.94 -9.02 -10.59
N ARG B 207 1.91 -8.20 -10.65
CA ARG B 207 2.03 -6.84 -11.20
C ARG B 207 1.84 -5.81 -10.11
N GLU B 208 2.37 -4.62 -10.35
CA GLU B 208 2.22 -3.53 -9.41
C GLU B 208 0.80 -2.96 -9.41
N ALA B 209 0.50 -2.09 -8.45
CA ALA B 209 -0.83 -1.50 -8.33
C ALA B 209 -1.09 -0.48 -9.43
N ASN B 210 -2.27 -0.53 -10.06
CA ASN B 210 -2.71 0.54 -10.97
C ASN B 210 -3.88 1.37 -10.41
N THR B 211 -4.55 0.84 -9.39
CA THR B 211 -5.68 1.51 -8.76
C THR B 211 -5.44 1.44 -7.26
N VAL B 212 -5.73 2.53 -6.55
CA VAL B 212 -5.76 2.49 -5.10
C VAL B 212 -7.04 3.15 -4.56
N LEU B 213 -7.64 2.52 -3.55
CA LEU B 213 -8.82 3.05 -2.87
C LEU B 213 -8.42 3.73 -1.56
N VAL B 214 -9.04 4.86 -1.26
CA VAL B 214 -8.68 5.61 -0.04
C VAL B 214 -9.93 6.07 0.72
N GLU B 215 -9.97 5.82 2.02
CA GLU B 215 -10.99 6.43 2.86
C GLU B 215 -10.30 7.50 3.72
N GLY B 216 -10.86 8.71 3.73
CA GLY B 216 -10.43 9.76 4.66
C GLY B 216 -11.55 10.17 5.61
N ILE B 217 -11.25 10.26 6.91
CA ILE B 217 -12.25 10.70 7.90
C ILE B 217 -12.10 12.22 8.05
N LYS B 218 -13.22 12.93 7.99
CA LYS B 218 -13.18 14.37 8.17
C LYS B 218 -12.87 14.63 9.62
N ASP B 219 -11.72 15.28 9.80
CA ASP B 219 -11.18 15.65 11.12
C ASP B 219 -10.80 14.47 12.02
N GLY B 220 -10.38 13.39 11.38
CA GLY B 220 -10.09 12.17 12.10
C GLY B 220 -8.69 12.18 12.65
N LYS B 221 -8.44 11.25 13.54
CA LYS B 221 -7.15 11.04 14.15
C LYS B 221 -6.32 10.19 13.26
N PRO B 222 -5.03 10.43 13.24
CA PRO B 222 -4.13 9.76 12.32
C PRO B 222 -3.99 8.29 12.54
N GLY B 223 -3.79 7.58 11.46
CA GLY B 223 -3.59 6.16 11.51
C GLY B 223 -4.16 5.42 10.34
N VAL B 224 -3.34 4.81 9.52
CA VAL B 224 -3.85 4.07 8.41
C VAL B 224 -3.83 2.59 8.64
N LYS B 225 -4.83 1.93 8.13
CA LYS B 225 -4.86 0.47 8.01
C LYS B 225 -4.82 0.20 6.52
N TYR B 226 -3.88 -0.62 6.08
CA TYR B 226 -3.77 -1.02 4.68
C TYR B 226 -4.53 -2.29 4.50
N VAL B 227 -5.68 -2.16 3.87
CA VAL B 227 -6.64 -3.24 3.74
C VAL B 227 -6.08 -4.29 2.79
N PRO B 228 -6.52 -5.58 2.92
CA PRO B 228 -6.02 -6.58 1.98
C PRO B 228 -6.19 -6.14 0.52
N PRO B 229 -5.14 -6.33 -0.30
CA PRO B 229 -5.21 -5.88 -1.68
C PRO B 229 -6.22 -6.69 -2.47
N VAL B 230 -6.77 -6.07 -3.50
CA VAL B 230 -7.56 -6.78 -4.49
C VAL B 230 -6.66 -7.23 -5.64
N ILE B 231 -6.77 -8.52 -5.99
CA ILE B 231 -6.12 -9.03 -7.20
C ILE B 231 -7.23 -9.30 -8.17
N VAL B 232 -7.25 -8.60 -9.29
CA VAL B 232 -8.31 -8.75 -10.26
C VAL B 232 -8.38 -10.03 -11.08
N TYR B 233 -7.27 -10.49 -11.62
CA TYR B 233 -7.30 -11.67 -12.47
C TYR B 233 -6.24 -12.65 -12.09
N ASP B 234 -6.52 -13.93 -12.31
CA ASP B 234 -5.54 -14.98 -12.19
C ASP B 234 -4.77 -15.02 -13.51
N GLU B 235 -3.73 -15.82 -13.58
CA GLU B 235 -2.86 -15.83 -14.74
C GLU B 235 -3.63 -16.13 -15.99
N LEU B 236 -4.60 -17.02 -15.85
CA LEU B 236 -5.39 -17.43 -16.99
C LEU B 236 -5.97 -16.15 -17.51
N GLY B 237 -6.21 -15.21 -16.61
CA GLY B 237 -6.79 -13.92 -16.99
C GLY B 237 -8.27 -13.87 -16.74
N GLU B 238 -8.79 -14.91 -16.11
CA GLU B 238 -10.16 -14.90 -15.67
C GLU B 238 -10.25 -14.20 -14.31
N TYR B 239 -11.44 -13.74 -13.97
CA TYR B 239 -11.62 -13.00 -12.76
C TYR B 239 -11.31 -13.85 -11.57
N THR B 240 -10.79 -13.21 -10.55
CA THR B 240 -10.50 -13.84 -9.31
C THR B 240 -11.79 -14.10 -8.59
N PRO B 241 -11.77 -15.03 -7.67
CA PRO B 241 -12.95 -15.40 -6.93
C PRO B 241 -13.47 -14.22 -6.20
N VAL B 242 -12.60 -13.41 -5.68
CA VAL B 242 -13.08 -12.27 -4.97
C VAL B 242 -13.85 -11.38 -5.91
N ILE B 243 -13.36 -11.22 -7.12
CA ILE B 243 -14.07 -10.46 -8.11
C ILE B 243 -15.38 -11.09 -8.51
N LYS B 244 -15.39 -12.40 -8.64
CA LYS B 244 -16.58 -13.10 -9.10
C LYS B 244 -17.73 -12.97 -8.12
N GLU B 245 -17.41 -12.94 -6.83
CA GLU B 245 -18.44 -12.80 -5.80
C GLU B 245 -18.98 -11.37 -5.83
N ILE B 246 -18.13 -10.43 -6.21
CA ILE B 246 -18.49 -9.02 -6.21
C ILE B 246 -19.39 -8.67 -7.40
N LEU B 247 -19.10 -9.26 -8.56
CA LEU B 247 -19.87 -8.97 -9.77
C LEU B 247 -21.17 -9.78 -9.88
N TYR B 248 -21.14 -11.02 -9.39
CA TYR B 248 -22.27 -11.96 -9.53
C TYR B 248 -23.00 -12.33 -8.22
N GLY B 249 -22.44 -11.96 -7.07
CA GLY B 249 -23.08 -12.22 -5.78
C GLY B 249 -22.64 -13.51 -5.11
#